data_3CFS
#
_entry.id   3CFS
#
_cell.length_a   44.665
_cell.length_b   85.725
_cell.length_c   117.723
_cell.angle_alpha   90.00
_cell.angle_beta   90.00
_cell.angle_gamma   90.00
#
_symmetry.space_group_name_H-M   'P 21 21 21'
#
loop_
_entity.id
_entity.type
_entity.pdbx_description
1 polymer 'Histone-binding protein RBBP7'
2 polymer 'Histone H4'
3 non-polymer ARSENIC
4 water water
#
loop_
_entity_poly.entity_id
_entity_poly.type
_entity_poly.pdbx_seq_one_letter_code
_entity_poly.pdbx_strand_id
1 'polypeptide(L)'
;H(MSE)A(MSE)ASKE(MSE)FEDTVEERVINEEYKIWKKNTPFLYDLVMTHALQWPSLTVQWLPEVTKPEGKDYALHWL
VLGTHTSDEQNHLVVARVHIPNDDAQFDASHCDSDKGEFGGFGSVTGKIECEIKINHEGEVNRARYMPQNPHIIATKTPS
SDVLVFDYTKHPAKPDPSGECNPDLRLRGHQKEGYGLSWNSNLSGHLLSASDDHTVCLWDINAGPKEGKIVDAKAIFTGH
SAVVEDVAWHLLHESLFGSVADDQKLMIWDTRSNTTSKPSHLVDAHTAEVNCLSFNPYSEFILATGSADKTVALWDLRNL
KLKLHTFESHKDEIFQVHWSPHNETILASSGTDRRLNVWDLSKIGEEQSAEDAEDGPPELLFIHGGHTAKISDFSWNPNE
PWVICSVSEDNIMQIWQMAENIYNDE
;
B
2 'polypeptide(L)' QGITKPAIRRLARRG E
#
loop_
_chem_comp.id
_chem_comp.type
_chem_comp.name
_chem_comp.formula
ARS non-polymer ARSENIC As
#
# COMPACT_ATOMS: atom_id res chain seq x y z
N PHE A 10 1.04 16.01 21.00
CA PHE A 10 2.02 15.49 20.01
C PHE A 10 2.17 16.49 18.85
N GLU A 11 1.31 17.50 18.83
CA GLU A 11 1.19 18.39 17.69
C GLU A 11 2.19 19.55 17.70
N ASP A 12 2.71 19.87 16.52
CA ASP A 12 3.57 21.04 16.33
C ASP A 12 2.75 22.18 15.76
N THR A 13 2.41 23.14 16.62
CA THR A 13 1.54 24.26 16.25
C THR A 13 2.14 25.12 15.14
N VAL A 14 3.48 25.13 15.05
CA VAL A 14 4.18 25.85 14.00
C VAL A 14 4.02 25.14 12.66
N GLU A 15 4.42 23.87 12.63
CA GLU A 15 4.31 23.06 11.43
C GLU A 15 2.87 22.97 10.94
N GLU A 16 1.93 22.98 11.89
CA GLU A 16 0.51 22.91 11.59
C GLU A 16 0.00 24.10 10.79
N ARG A 17 0.50 25.29 11.12
CA ARG A 17 0.16 26.49 10.36
C ARG A 17 0.69 26.42 8.93
N VAL A 18 1.91 25.92 8.79
CA VAL A 18 2.53 25.75 7.47
C VAL A 18 1.76 24.75 6.63
N ILE A 19 1.39 23.64 7.25
CA ILE A 19 0.63 22.59 6.58
C ILE A 19 -0.75 23.09 6.14
N ASN A 20 -1.45 23.76 7.05
CA ASN A 20 -2.79 24.25 6.77
C ASN A 20 -2.85 25.29 5.64
N GLU A 21 -1.85 26.17 5.61
CA GLU A 21 -1.81 27.21 4.58
C GLU A 21 -1.44 26.65 3.21
N GLU A 22 -0.57 25.65 3.20
CA GLU A 22 -0.20 24.96 1.95
C GLU A 22 -1.39 24.16 1.43
N TYR A 23 -2.19 23.63 2.34
CA TYR A 23 -3.39 22.89 1.99
C TYR A 23 -4.44 23.79 1.33
N LYS A 24 -4.64 24.97 1.88
CA LYS A 24 -5.60 25.92 1.31
C LYS A 24 -5.25 26.20 -0.14
N ILE A 25 -3.95 26.30 -0.42
CA ILE A 25 -3.45 26.53 -1.76
C ILE A 25 -3.67 25.31 -2.65
N TRP A 26 -3.43 24.13 -2.11
CA TRP A 26 -3.69 22.89 -2.84
C TRP A 26 -5.17 22.80 -3.21
N LYS A 27 -6.02 23.13 -2.25
CA LYS A 27 -7.48 22.97 -2.40
C LYS A 27 -8.04 23.76 -3.58
N LYS A 28 -7.60 25.01 -3.72
CA LYS A 28 -8.08 25.85 -4.81
C LYS A 28 -7.42 25.52 -6.14
N ASN A 29 -6.34 24.75 -6.09
CA ASN A 29 -5.66 24.29 -7.29
C ASN A 29 -6.23 22.98 -7.84
N THR A 30 -7.12 22.35 -7.07
CA THR A 30 -7.59 21.00 -7.42
C THR A 30 -8.29 20.86 -8.78
N PRO A 31 -9.06 21.89 -9.20
CA PRO A 31 -9.67 21.84 -10.53
C PRO A 31 -8.64 21.77 -11.67
N PHE A 32 -7.43 22.29 -11.43
CA PHE A 32 -6.35 22.17 -12.39
C PHE A 32 -5.84 20.73 -12.45
N LEU A 33 -5.70 20.11 -11.28
CA LEU A 33 -4.89 18.90 -11.14
C LEU A 33 -5.65 17.58 -11.07
N TYR A 34 -6.94 17.63 -10.75
CA TYR A 34 -7.71 16.41 -10.51
C TYR A 34 -8.99 16.31 -11.34
N ASP A 35 -9.25 15.11 -11.85
CA ASP A 35 -10.55 14.79 -12.44
C ASP A 35 -11.53 14.45 -11.33
N LEU A 36 -10.99 13.98 -10.20
CA LEU A 36 -11.80 13.55 -9.08
C LEU A 36 -11.05 13.74 -7.76
N VAL A 37 -11.72 14.34 -6.78
CA VAL A 37 -11.20 14.44 -5.42
C VAL A 37 -12.33 14.26 -4.42
N MET A 38 -12.29 13.17 -3.67
CA MET A 38 -13.24 12.95 -2.58
C MET A 38 -12.46 12.77 -1.30
N THR A 39 -12.84 13.49 -0.25
CA THR A 39 -12.16 13.38 1.03
C THR A 39 -13.15 13.04 2.15
N HIS A 40 -12.78 12.08 2.98
CA HIS A 40 -13.64 11.64 4.08
C HIS A 40 -12.87 11.52 5.38
N ALA A 41 -13.43 12.08 6.45
CA ALA A 41 -12.83 11.96 7.76
C ALA A 41 -13.47 10.80 8.52
N LEU A 42 -12.63 9.85 8.93
CA LEU A 42 -13.08 8.71 9.71
C LEU A 42 -12.99 9.06 11.19
N GLN A 43 -13.78 8.39 12.02
CA GLN A 43 -13.71 8.59 13.47
C GLN A 43 -12.33 8.21 13.96
N TRP A 44 -11.76 7.15 13.39
CA TRP A 44 -10.41 6.72 13.73
C TRP A 44 -9.57 6.64 12.45
N PRO A 45 -8.25 6.87 12.58
CA PRO A 45 -7.38 6.74 11.42
C PRO A 45 -7.25 5.27 11.00
N SER A 46 -7.03 5.04 9.71
CA SER A 46 -6.74 3.72 9.21
C SER A 46 -5.27 3.64 8.82
N LEU A 47 -4.61 2.55 9.21
CA LEU A 47 -3.21 2.35 8.88
C LEU A 47 -3.10 1.57 7.57
N THR A 48 -4.25 1.19 7.04
CA THR A 48 -4.30 0.26 5.92
C THR A 48 -5.44 0.59 4.95
N VAL A 49 -5.18 0.40 3.65
CA VAL A 49 -6.21 0.43 2.62
C VAL A 49 -5.92 -0.57 1.52
N GLN A 50 -6.97 -1.19 1.02
CA GLN A 50 -6.88 -1.99 -0.19
C GLN A 50 -8.26 -2.06 -0.83
N TRP A 51 -8.33 -1.72 -2.11
CA TRP A 51 -9.56 -1.88 -2.86
C TRP A 51 -9.87 -3.36 -3.00
N LEU A 52 -11.14 -3.72 -2.80
CA LEU A 52 -11.63 -5.03 -3.20
C LEU A 52 -11.74 -5.05 -4.72
N PRO A 53 -11.61 -6.24 -5.33
CA PRO A 53 -11.64 -6.37 -6.79
C PRO A 53 -13.02 -6.10 -7.42
N GLU A 54 -14.08 -6.11 -6.62
CA GLU A 54 -15.44 -6.00 -7.14
C GLU A 54 -15.86 -4.57 -7.49
N VAL A 55 -16.61 -4.44 -8.58
CA VAL A 55 -17.20 -3.17 -8.98
C VAL A 55 -18.51 -3.42 -9.71
N THR A 56 -19.48 -2.52 -9.53
CA THR A 56 -20.75 -2.63 -10.24
C THR A 56 -21.34 -1.25 -10.53
N LYS A 57 -21.98 -1.14 -11.70
CA LYS A 57 -22.70 0.06 -12.06
C LYS A 57 -24.20 -0.21 -11.97
N PRO A 58 -24.83 0.20 -10.86
CA PRO A 58 -26.22 -0.12 -10.56
C PRO A 58 -27.18 0.54 -11.55
N GLU A 59 -28.17 -0.23 -12.00
CA GLU A 59 -29.15 0.26 -12.96
C GLU A 59 -29.90 1.48 -12.45
N GLY A 60 -29.92 2.54 -13.26
CA GLY A 60 -30.65 3.75 -12.92
C GLY A 60 -29.90 4.68 -11.98
N LYS A 61 -28.60 4.42 -11.81
CA LYS A 61 -27.76 5.25 -10.94
C LYS A 61 -26.70 5.98 -11.75
N ASP A 62 -26.17 7.07 -11.18
CA ASP A 62 -25.15 7.86 -11.85
C ASP A 62 -23.77 7.64 -11.24
N TYR A 63 -23.62 6.54 -10.50
CA TYR A 63 -22.36 6.22 -9.85
C TYR A 63 -22.01 4.75 -9.96
N ALA A 64 -20.74 4.42 -9.70
CA ALA A 64 -20.32 3.03 -9.63
C ALA A 64 -20.02 2.66 -8.18
N LEU A 65 -20.29 1.40 -7.83
CA LEU A 65 -20.03 0.90 -6.50
C LEU A 65 -18.66 0.24 -6.41
N HIS A 66 -17.86 0.68 -5.45
CA HIS A 66 -16.54 0.11 -5.20
C HIS A 66 -16.43 -0.22 -3.72
N TRP A 67 -15.44 -1.05 -3.38
CA TRP A 67 -15.28 -1.48 -1.99
C TRP A 67 -13.84 -1.37 -1.51
N LEU A 68 -13.68 -0.92 -0.26
CA LEU A 68 -12.37 -0.74 0.36
C LEU A 68 -12.25 -1.62 1.60
N VAL A 69 -11.10 -2.23 1.79
CA VAL A 69 -10.77 -2.86 3.06
C VAL A 69 -10.00 -1.86 3.92
N LEU A 70 -10.60 -1.48 5.05
CA LEU A 70 -10.00 -0.51 5.95
C LEU A 70 -9.75 -1.13 7.32
N GLY A 71 -9.05 -0.39 8.16
CA GLY A 71 -8.82 -0.82 9.53
C GLY A 71 -9.08 0.33 10.48
N THR A 72 -8.85 0.08 11.76
CA THR A 72 -9.01 1.11 12.78
C THR A 72 -7.73 1.21 13.58
N HIS A 73 -7.44 2.41 14.09
CA HIS A 73 -6.29 2.61 14.96
C HIS A 73 -6.66 3.40 16.21
N THR A 74 -7.04 2.67 17.26
CA THR A 74 -7.29 3.25 18.56
C THR A 74 -6.52 2.48 19.61
N SER A 75 -5.85 3.21 20.51
CA SER A 75 -5.11 2.59 21.59
C SER A 75 -6.01 2.37 22.81
N ASP A 76 -7.11 3.13 22.88
CA ASP A 76 -7.98 3.12 24.05
C ASP A 76 -9.23 2.26 23.87
N GLU A 77 -9.84 2.35 22.69
CA GLU A 77 -11.19 1.82 22.49
C GLU A 77 -11.25 0.62 21.56
N GLN A 78 -12.47 0.22 21.18
CA GLN A 78 -12.68 -0.97 20.38
C GLN A 78 -12.26 -0.76 18.92
N ASN A 79 -11.40 -1.65 18.43
CA ASN A 79 -10.95 -1.59 17.04
C ASN A 79 -11.81 -2.45 16.13
N HIS A 80 -11.81 -2.14 14.84
CA HIS A 80 -12.62 -2.87 13.88
C HIS A 80 -11.89 -3.11 12.56
N LEU A 81 -12.16 -4.26 11.96
CA LEU A 81 -11.82 -4.51 10.57
C LEU A 81 -13.03 -4.08 9.73
N VAL A 82 -12.82 -3.15 8.80
CA VAL A 82 -13.94 -2.58 8.07
C VAL A 82 -13.87 -2.76 6.56
N VAL A 83 -14.98 -3.16 5.97
CA VAL A 83 -15.15 -3.10 4.53
C VAL A 83 -16.11 -1.95 4.21
N ALA A 84 -15.62 -0.96 3.47
CA ALA A 84 -16.41 0.22 3.17
C ALA A 84 -16.94 0.19 1.74
N ARG A 85 -18.19 0.59 1.57
CA ARG A 85 -18.80 0.71 0.26
C ARG A 85 -18.74 2.18 -0.15
N VAL A 86 -18.26 2.45 -1.37
CA VAL A 86 -18.14 3.83 -1.82
C VAL A 86 -18.78 4.07 -3.20
N HIS A 87 -19.36 5.25 -3.35
CA HIS A 87 -19.91 5.67 -4.64
C HIS A 87 -18.85 6.46 -5.39
N ILE A 88 -18.54 6.02 -6.61
CA ILE A 88 -17.66 6.79 -7.49
C ILE A 88 -18.48 7.34 -8.64
N PRO A 89 -18.71 8.68 -8.64
CA PRO A 89 -19.50 9.37 -9.64
C PRO A 89 -19.02 9.07 -11.06
N ASN A 90 -19.96 8.82 -11.96
CA ASN A 90 -19.64 8.69 -13.37
C ASN A 90 -19.16 10.03 -13.92
N ASP A 91 -18.43 9.99 -15.03
CA ASP A 91 -17.90 11.21 -15.63
C ASP A 91 -18.99 12.07 -16.28
N ASP A 92 -20.23 11.87 -15.83
CA ASP A 92 -21.36 12.65 -16.32
C ASP A 92 -22.31 13.00 -15.17
N THR A 114 -20.45 15.33 -3.37
CA THR A 114 -19.84 14.43 -4.34
C THR A 114 -19.41 13.12 -3.69
N GLY A 115 -20.03 12.01 -4.11
CA GLY A 115 -19.67 10.70 -3.60
C GLY A 115 -20.31 10.38 -2.27
N LYS A 116 -20.05 9.16 -1.78
CA LYS A 116 -20.68 8.67 -0.56
C LYS A 116 -19.95 7.42 -0.07
N ILE A 117 -19.79 7.31 1.25
CA ILE A 117 -19.17 6.13 1.84
C ILE A 117 -20.03 5.54 2.96
N GLU A 118 -20.22 4.23 2.91
CA GLU A 118 -21.02 3.54 3.91
C GLU A 118 -20.30 2.28 4.40
N CYS A 119 -20.74 1.76 5.53
CA CYS A 119 -20.15 0.55 6.09
C CYS A 119 -20.85 -0.70 5.55
N GLU A 120 -20.14 -1.48 4.76
CA GLU A 120 -20.66 -2.75 4.28
C GLU A 120 -20.69 -3.73 5.45
N ILE A 121 -19.53 -3.92 6.09
CA ILE A 121 -19.46 -4.72 7.31
C ILE A 121 -18.40 -4.18 8.27
N LYS A 122 -18.62 -4.41 9.55
CA LYS A 122 -17.73 -3.97 10.60
C LYS A 122 -17.51 -5.15 11.55
N ILE A 123 -16.25 -5.54 11.75
CA ILE A 123 -15.94 -6.74 12.53
C ILE A 123 -14.99 -6.43 13.68
N ASN A 124 -15.36 -6.88 14.88
CA ASN A 124 -14.54 -6.68 16.08
C ASN A 124 -13.11 -7.17 15.91
N HIS A 125 -12.15 -6.32 16.24
CA HIS A 125 -10.74 -6.64 16.05
C HIS A 125 -9.92 -6.27 17.29
N GLU A 126 -9.17 -7.23 17.81
CA GLU A 126 -8.28 -6.98 18.96
C GLU A 126 -7.08 -6.14 18.56
N GLY A 127 -6.96 -4.96 19.17
CA GLY A 127 -5.88 -4.03 18.84
C GLY A 127 -6.05 -3.42 17.47
N GLU A 128 -5.19 -2.48 17.12
CA GLU A 128 -5.25 -1.82 15.83
C GLU A 128 -4.94 -2.78 14.68
N VAL A 129 -5.45 -2.48 13.50
CA VAL A 129 -5.15 -3.27 12.31
C VAL A 129 -3.92 -2.67 11.62
N ASN A 130 -2.76 -3.28 11.84
CA ASN A 130 -1.53 -2.83 11.21
C ASN A 130 -1.65 -2.88 9.69
N ARG A 131 -2.15 -4.00 9.19
CA ARG A 131 -2.35 -4.20 7.76
C ARG A 131 -3.44 -5.25 7.54
N ALA A 132 -4.21 -5.08 6.46
CA ALA A 132 -5.23 -6.07 6.09
C ALA A 132 -5.21 -6.33 4.59
N ARG A 133 -5.20 -7.60 4.22
CA ARG A 133 -5.10 -8.02 2.82
C ARG A 133 -6.14 -9.08 2.47
N TYR A 134 -6.85 -8.89 1.36
CA TYR A 134 -7.80 -9.91 0.90
C TYR A 134 -7.09 -10.98 0.08
N MET A 135 -7.60 -12.21 0.13
CA MET A 135 -7.06 -13.30 -0.65
C MET A 135 -7.55 -13.19 -2.08
N PRO A 136 -6.62 -13.19 -3.06
CA PRO A 136 -6.96 -13.00 -4.46
C PRO A 136 -7.97 -14.03 -4.95
N GLN A 137 -7.79 -15.29 -4.56
CA GLN A 137 -8.66 -16.37 -5.00
C GLN A 137 -10.03 -16.31 -4.34
N ASN A 138 -10.09 -15.73 -3.14
CA ASN A 138 -11.33 -15.62 -2.40
C ASN A 138 -11.35 -14.31 -1.62
N PRO A 139 -11.83 -13.23 -2.26
CA PRO A 139 -11.77 -11.86 -1.76
C PRO A 139 -12.45 -11.63 -0.41
N HIS A 140 -13.35 -12.52 -0.01
CA HIS A 140 -13.99 -12.36 1.29
C HIS A 140 -13.20 -13.01 2.43
N ILE A 141 -11.98 -13.44 2.12
CA ILE A 141 -11.04 -13.88 3.15
C ILE A 141 -9.96 -12.82 3.32
N ILE A 142 -9.84 -12.29 4.54
CA ILE A 142 -8.93 -11.19 4.81
C ILE A 142 -7.99 -11.50 5.97
N ALA A 143 -6.69 -11.37 5.73
CA ALA A 143 -5.69 -11.52 6.79
C ALA A 143 -5.33 -10.16 7.36
N THR A 144 -5.08 -10.12 8.66
CA THR A 144 -4.70 -8.88 9.32
C THR A 144 -3.47 -9.05 10.19
N LYS A 145 -2.66 -8.00 10.29
CA LYS A 145 -1.56 -7.94 11.23
C LYS A 145 -1.99 -7.12 12.44
N THR A 146 -1.61 -7.59 13.62
CA THR A 146 -2.09 -7.04 14.88
C THR A 146 -0.90 -6.54 15.70
N PRO A 147 -1.14 -5.66 16.68
CA PRO A 147 -0.06 -5.28 17.62
C PRO A 147 0.56 -6.48 18.34
N SER A 148 -0.09 -7.64 18.27
CA SER A 148 0.48 -8.86 18.85
C SER A 148 1.10 -9.74 17.77
N SER A 149 1.57 -10.92 18.16
CA SER A 149 2.34 -11.78 17.27
C SER A 149 1.47 -12.65 16.35
N ASP A 150 0.25 -12.92 16.77
CA ASP A 150 -0.69 -13.69 15.96
C ASP A 150 -1.19 -12.86 14.78
N VAL A 151 -1.09 -13.42 13.58
CA VAL A 151 -1.75 -12.82 12.42
C VAL A 151 -3.09 -13.51 12.21
N LEU A 152 -4.14 -12.71 12.05
CA LEU A 152 -5.51 -13.22 12.06
C LEU A 152 -6.07 -13.36 10.66
N VAL A 153 -7.04 -14.26 10.51
CA VAL A 153 -7.72 -14.46 9.24
C VAL A 153 -9.22 -14.38 9.46
N PHE A 154 -9.89 -13.56 8.64
CA PHE A 154 -11.33 -13.39 8.74
C PHE A 154 -12.02 -13.74 7.44
N ASP A 155 -13.13 -14.46 7.54
CA ASP A 155 -14.03 -14.67 6.43
C ASP A 155 -15.28 -13.85 6.74
N TYR A 156 -15.42 -12.70 6.09
CA TYR A 156 -16.45 -11.74 6.50
C TYR A 156 -17.89 -12.20 6.22
N THR A 157 -18.03 -13.30 5.50
CA THR A 157 -19.36 -13.89 5.26
C THR A 157 -19.79 -14.73 6.46
N LYS A 158 -18.87 -14.92 7.41
CA LYS A 158 -19.12 -15.75 8.58
C LYS A 158 -19.14 -14.92 9.85
N HIS A 159 -19.48 -13.64 9.73
CA HIS A 159 -19.59 -12.76 10.88
C HIS A 159 -20.88 -11.95 10.78
N PRO A 160 -21.41 -11.51 11.94
CA PRO A 160 -22.68 -10.79 11.95
C PRO A 160 -22.61 -9.50 11.16
N ALA A 161 -23.74 -9.12 10.55
CA ALA A 161 -23.82 -7.89 9.75
C ALA A 161 -23.48 -6.66 10.59
N LYS A 162 -23.82 -6.72 11.87
CA LYS A 162 -23.48 -5.68 12.82
C LYS A 162 -22.71 -6.31 13.97
N PRO A 163 -21.56 -5.72 14.35
CA PRO A 163 -20.70 -6.33 15.34
C PRO A 163 -21.28 -6.22 16.74
N ASP A 164 -21.05 -7.24 17.56
CA ASP A 164 -21.49 -7.22 18.96
C ASP A 164 -20.72 -6.17 19.74
N PRO A 165 -21.45 -5.23 20.37
CA PRO A 165 -20.88 -4.14 21.16
C PRO A 165 -19.96 -4.61 22.29
N SER A 166 -20.01 -5.90 22.61
CA SER A 166 -19.13 -6.48 23.63
C SER A 166 -17.67 -6.48 23.17
N GLY A 167 -17.48 -6.51 21.85
CA GLY A 167 -16.16 -6.31 21.27
C GLY A 167 -15.25 -7.53 21.22
N GLU A 168 -15.81 -8.69 21.53
CA GLU A 168 -15.03 -9.92 21.53
C GLU A 168 -14.61 -10.31 20.11
N CYS A 169 -13.30 -10.41 19.91
CA CYS A 169 -12.72 -10.70 18.59
C CYS A 169 -12.61 -12.21 18.38
N ASN A 170 -13.29 -12.71 17.35
CA ASN A 170 -13.31 -14.13 17.05
C ASN A 170 -12.85 -14.44 15.63
N PRO A 171 -11.53 -14.44 15.40
CA PRO A 171 -10.98 -14.76 14.09
C PRO A 171 -11.32 -16.18 13.68
N ASP A 172 -11.42 -16.43 12.39
CA ASP A 172 -11.66 -17.78 11.89
C ASP A 172 -10.38 -18.60 12.00
N LEU A 173 -9.25 -17.93 11.82
CA LEU A 173 -7.94 -18.55 11.95
C LEU A 173 -6.98 -17.63 12.72
N ARG A 174 -6.17 -18.23 13.59
CA ARG A 174 -5.03 -17.53 14.18
C ARG A 174 -3.76 -18.19 13.67
N LEU A 175 -2.89 -17.38 13.07
CA LEU A 175 -1.65 -17.91 12.51
C LEU A 175 -0.47 -17.71 13.46
N ARG A 176 0.11 -18.81 13.91
CA ARG A 176 1.21 -18.78 14.87
C ARG A 176 2.56 -18.90 14.19
N GLY A 177 3.58 -18.26 14.77
CA GLY A 177 4.93 -18.35 14.23
C GLY A 177 5.83 -17.18 14.61
N HIS A 178 5.23 -16.01 14.79
CA HIS A 178 5.99 -14.81 15.11
C HIS A 178 6.10 -14.57 16.61
N GLN A 179 7.10 -13.79 17.00
CA GLN A 179 7.29 -13.41 18.40
C GLN A 179 6.93 -11.95 18.61
N LYS A 180 6.99 -11.16 17.53
CA LYS A 180 6.65 -9.75 17.59
C LYS A 180 5.66 -9.36 16.49
N GLU A 181 5.14 -8.15 16.58
CA GLU A 181 4.23 -7.62 15.57
C GLU A 181 5.00 -7.25 14.30
N GLY A 182 4.25 -6.95 13.24
CA GLY A 182 4.84 -6.49 11.98
C GLY A 182 3.82 -5.77 11.12
N TYR A 183 4.16 -5.60 9.84
CA TYR A 183 3.24 -4.97 8.89
C TYR A 183 3.11 -5.79 7.62
N GLY A 184 4.25 -6.16 7.05
CA GLY A 184 4.29 -6.91 5.79
C GLY A 184 3.35 -8.10 5.73
N LEU A 185 2.53 -8.13 4.67
CA LEU A 185 1.58 -9.21 4.43
C LEU A 185 1.49 -9.45 2.94
N SER A 186 1.39 -10.72 2.53
CA SER A 186 1.24 -11.03 1.11
C SER A 186 0.64 -12.41 0.86
N TRP A 187 -0.48 -12.43 0.12
CA TRP A 187 -1.10 -13.68 -0.33
C TRP A 187 -0.50 -14.11 -1.66
N ASN A 188 -0.28 -15.41 -1.82
CA ASN A 188 0.20 -15.94 -3.09
C ASN A 188 -0.95 -15.99 -4.09
N SER A 189 -0.82 -15.24 -5.19
CA SER A 189 -1.88 -15.15 -6.18
C SER A 189 -1.84 -16.31 -7.17
N ASN A 190 -0.90 -17.22 -6.96
CA ASN A 190 -0.79 -18.42 -7.80
C ASN A 190 -0.90 -19.70 -6.97
N LEU A 191 -0.91 -19.55 -5.65
CA LEU A 191 -1.03 -20.68 -4.74
C LEU A 191 -2.00 -20.35 -3.61
N SER A 192 -3.25 -20.74 -3.78
CA SER A 192 -4.34 -20.33 -2.89
C SER A 192 -4.13 -20.72 -1.44
N GLY A 193 -4.23 -19.75 -0.55
CA GLY A 193 -4.14 -20.00 0.89
C GLY A 193 -2.74 -19.85 1.45
N HIS A 194 -1.76 -19.61 0.58
CA HIS A 194 -0.39 -19.43 1.02
C HIS A 194 -0.11 -17.96 1.33
N LEU A 195 0.32 -17.70 2.56
CA LEU A 195 0.45 -16.34 3.07
C LEU A 195 1.82 -16.08 3.67
N LEU A 196 2.40 -14.93 3.35
CA LEU A 196 3.66 -14.49 3.94
C LEU A 196 3.44 -13.32 4.88
N SER A 197 4.29 -13.23 5.90
CA SER A 197 4.20 -12.17 6.89
C SER A 197 5.60 -11.77 7.35
N ALA A 198 5.78 -10.47 7.57
CA ALA A 198 7.04 -9.92 8.03
C ALA A 198 6.89 -9.39 9.45
N SER A 199 7.93 -9.53 10.26
CA SER A 199 7.83 -9.15 11.67
C SER A 199 9.05 -8.40 12.19
N ASP A 200 8.84 -7.69 13.30
CA ASP A 200 9.92 -7.01 13.99
C ASP A 200 10.87 -8.00 14.67
N ASP A 201 10.51 -9.28 14.64
CA ASP A 201 11.33 -10.32 15.25
C ASP A 201 12.43 -10.82 14.31
N HIS A 202 12.56 -10.17 13.15
CA HIS A 202 13.64 -10.46 12.20
C HIS A 202 13.28 -11.57 11.20
N THR A 203 12.06 -12.10 11.29
CA THR A 203 11.70 -13.26 10.49
C THR A 203 10.55 -13.02 9.51
N VAL A 204 10.54 -13.81 8.45
CA VAL A 204 9.37 -13.95 7.59
C VAL A 204 8.74 -15.32 7.85
N CYS A 205 7.44 -15.33 8.14
CA CYS A 205 6.72 -16.59 8.34
C CYS A 205 5.88 -16.97 7.13
N LEU A 206 5.69 -18.28 6.93
CA LEU A 206 4.92 -18.80 5.83
C LEU A 206 3.83 -19.74 6.35
N TRP A 207 2.58 -19.50 5.94
CA TRP A 207 1.48 -20.38 6.30
C TRP A 207 0.76 -20.90 5.07
N ASP A 208 0.23 -22.11 5.19
CA ASP A 208 -0.74 -22.63 4.24
C ASP A 208 -2.03 -22.87 5.00
N ILE A 209 -2.99 -21.95 4.84
CA ILE A 209 -4.18 -21.92 5.68
C ILE A 209 -5.19 -23.02 5.35
N ASN A 210 -4.98 -23.72 4.24
CA ASN A 210 -5.85 -24.82 3.86
C ASN A 210 -5.49 -26.12 4.59
N ALA A 211 -4.29 -26.14 5.18
CA ALA A 211 -3.85 -27.27 5.98
C ALA A 211 -4.30 -27.09 7.43
N GLY A 212 -3.58 -27.72 8.34
CA GLY A 212 -3.92 -27.65 9.76
C GLY A 212 -4.78 -28.84 10.18
N PRO A 213 -5.36 -28.76 11.39
CA PRO A 213 -6.21 -29.82 11.93
C PRO A 213 -7.68 -29.63 11.62
N LYS A 214 -8.51 -30.56 12.10
CA LYS A 214 -9.96 -30.48 11.94
C LYS A 214 -10.53 -29.27 12.68
N GLU A 215 -10.26 -29.20 13.98
CA GLU A 215 -10.76 -28.12 14.82
C GLU A 215 -9.68 -27.54 15.72
N GLY A 216 -8.93 -26.56 15.20
CA GLY A 216 -9.13 -26.09 13.84
C GLY A 216 -8.85 -24.60 13.65
N LYS A 217 -8.82 -23.86 14.75
CA LYS A 217 -8.65 -22.41 14.68
C LYS A 217 -7.18 -21.99 14.56
N ILE A 218 -6.27 -22.80 15.08
CA ILE A 218 -4.86 -22.45 15.12
C ILE A 218 -4.05 -23.23 14.09
N VAL A 219 -3.23 -22.51 13.32
CA VAL A 219 -2.30 -23.14 12.39
C VAL A 219 -0.89 -22.59 12.56
N ASP A 220 0.09 -23.49 12.62
CA ASP A 220 1.48 -23.12 12.83
C ASP A 220 2.21 -22.83 11.53
N ALA A 221 3.30 -22.08 11.62
CA ALA A 221 4.08 -21.70 10.46
C ALA A 221 4.70 -22.91 9.77
N LYS A 222 4.41 -23.04 8.47
CA LYS A 222 4.99 -24.08 7.64
C LYS A 222 6.51 -23.89 7.51
N ALA A 223 6.93 -22.64 7.38
CA ALA A 223 8.34 -22.31 7.28
C ALA A 223 8.62 -20.95 7.90
N ILE A 224 9.83 -20.79 8.46
CA ILE A 224 10.24 -19.53 9.06
C ILE A 224 11.62 -19.12 8.54
N PHE A 225 11.65 -18.00 7.81
CA PHE A 225 12.88 -17.54 7.15
C PHE A 225 13.63 -16.52 7.99
N THR A 226 14.92 -16.79 8.23
CA THR A 226 15.71 -16.02 9.18
C THR A 226 16.94 -15.37 8.55
N GLY A 227 16.87 -15.07 7.27
CA GLY A 227 18.01 -14.49 6.55
C GLY A 227 18.41 -13.11 7.03
N HIS A 228 17.43 -12.33 7.49
CA HIS A 228 17.68 -10.95 7.90
C HIS A 228 18.19 -10.86 9.33
N SER A 229 18.93 -9.78 9.62
CA SER A 229 19.50 -9.56 10.94
C SER A 229 18.85 -8.37 11.64
N ALA A 230 17.74 -7.89 11.08
CA ALA A 230 17.02 -6.77 11.66
C ALA A 230 15.52 -6.87 11.36
N VAL A 231 14.76 -5.92 11.89
CA VAL A 231 13.32 -5.85 11.63
C VAL A 231 13.05 -5.95 10.13
N VAL A 232 12.29 -6.96 9.72
CA VAL A 232 11.89 -7.08 8.33
C VAL A 232 10.58 -6.32 8.08
N GLU A 233 10.64 -5.36 7.17
CA GLU A 233 9.61 -4.35 7.02
C GLU A 233 8.49 -4.76 6.06
N ASP A 234 8.83 -5.51 5.02
CA ASP A 234 7.85 -5.90 4.02
C ASP A 234 8.23 -7.21 3.35
N VAL A 235 7.24 -7.87 2.77
CA VAL A 235 7.44 -9.13 2.07
C VAL A 235 6.45 -9.20 0.91
N ALA A 236 6.82 -9.86 -0.18
CA ALA A 236 5.97 -9.91 -1.37
C ALA A 236 6.25 -11.11 -2.26
N TRP A 237 5.21 -11.86 -2.58
CA TRP A 237 5.30 -12.94 -3.55
C TRP A 237 5.56 -12.38 -4.94
N HIS A 238 6.28 -13.15 -5.76
CA HIS A 238 6.36 -12.87 -7.18
C HIS A 238 4.97 -13.04 -7.77
N LEU A 239 4.63 -12.23 -8.77
CA LEU A 239 3.29 -12.22 -9.33
C LEU A 239 3.04 -13.32 -10.36
N LEU A 240 4.08 -14.10 -10.68
CA LEU A 240 3.96 -15.14 -11.69
C LEU A 240 4.52 -16.49 -11.26
N HIS A 241 5.68 -16.49 -10.60
CA HIS A 241 6.27 -17.72 -10.10
C HIS A 241 5.83 -17.96 -8.66
N GLU A 242 5.20 -19.10 -8.42
CA GLU A 242 4.56 -19.40 -7.13
C GLU A 242 5.55 -19.68 -6.00
N SER A 243 6.82 -19.83 -6.33
CA SER A 243 7.84 -20.22 -5.34
C SER A 243 8.74 -19.05 -4.93
N LEU A 244 8.74 -17.99 -5.74
CA LEU A 244 9.61 -16.85 -5.49
C LEU A 244 8.93 -15.78 -4.65
N PHE A 245 9.67 -15.23 -3.68
CA PHE A 245 9.24 -14.04 -2.98
C PHE A 245 10.42 -13.17 -2.56
N GLY A 246 10.14 -11.90 -2.28
CA GLY A 246 11.17 -10.96 -1.86
C GLY A 246 10.90 -10.44 -0.47
N SER A 247 11.97 -10.13 0.26
CA SER A 247 11.84 -9.52 1.57
C SER A 247 12.79 -8.34 1.73
N VAL A 248 12.48 -7.48 2.69
CA VAL A 248 13.08 -6.17 2.79
C VAL A 248 13.15 -5.77 4.26
N ALA A 249 14.32 -5.32 4.72
CA ALA A 249 14.53 -5.11 6.15
C ALA A 249 15.35 -3.88 6.51
N ASP A 250 15.48 -3.66 7.82
CA ASP A 250 16.26 -2.55 8.35
C ASP A 250 17.76 -2.79 8.24
N ASP A 251 18.14 -4.01 7.82
CA ASP A 251 19.54 -4.32 7.58
C ASP A 251 19.98 -3.83 6.21
N GLN A 252 19.09 -3.08 5.56
CA GLN A 252 19.38 -2.42 4.29
C GLN A 252 19.43 -3.39 3.10
N LYS A 253 18.97 -4.61 3.31
CA LYS A 253 19.07 -5.64 2.30
C LYS A 253 17.74 -5.98 1.63
N LEU A 254 17.82 -6.33 0.34
CA LEU A 254 16.72 -6.96 -0.35
C LEU A 254 17.07 -8.43 -0.52
N MET A 255 16.16 -9.32 -0.14
CA MET A 255 16.43 -10.74 -0.24
C MET A 255 15.39 -11.43 -1.13
N ILE A 256 15.87 -12.32 -2.00
CA ILE A 256 15.00 -13.09 -2.87
C ILE A 256 15.03 -14.55 -2.44
N TRP A 257 13.85 -15.10 -2.14
CA TRP A 257 13.76 -16.43 -1.57
C TRP A 257 13.08 -17.43 -2.50
N ASP A 258 13.45 -18.69 -2.37
CA ASP A 258 12.80 -19.78 -3.09
C ASP A 258 12.28 -20.78 -2.07
N THR A 259 10.97 -21.04 -2.09
CA THR A 259 10.35 -21.92 -1.10
C THR A 259 10.61 -23.41 -1.38
N ARG A 260 11.16 -23.70 -2.56
CA ARG A 260 11.50 -25.08 -2.93
C ARG A 260 12.70 -25.57 -2.14
N SER A 261 13.68 -24.68 -1.97
CA SER A 261 14.96 -25.03 -1.35
C SER A 261 14.82 -25.45 0.11
N ASN A 262 15.70 -26.33 0.56
CA ASN A 262 15.67 -26.86 1.92
C ASN A 262 16.37 -25.97 2.94
N THR A 263 16.70 -24.75 2.54
CA THR A 263 17.26 -23.77 3.47
C THR A 263 16.29 -22.62 3.69
N THR A 264 16.23 -22.13 4.93
CA THR A 264 15.41 -20.98 5.27
C THR A 264 16.27 -19.90 5.93
N SER A 265 17.57 -20.15 5.98
CA SER A 265 18.51 -19.23 6.61
C SER A 265 19.28 -18.42 5.56
N LYS A 266 19.26 -18.89 4.32
CA LYS A 266 19.97 -18.23 3.23
C LYS A 266 19.12 -18.10 1.97
N PRO A 267 18.89 -16.86 1.52
CA PRO A 267 18.08 -16.58 0.33
C PRO A 267 18.82 -16.92 -0.95
N SER A 268 18.09 -17.01 -2.06
CA SER A 268 18.69 -17.23 -3.36
C SER A 268 19.55 -16.05 -3.78
N HIS A 269 19.08 -14.84 -3.46
CA HIS A 269 19.82 -13.62 -3.77
C HIS A 269 19.85 -12.66 -2.59
N LEU A 270 21.04 -12.11 -2.32
CA LEU A 270 21.21 -11.13 -1.27
C LEU A 270 21.71 -9.83 -1.88
N VAL A 271 20.89 -8.79 -1.78
CA VAL A 271 21.18 -7.52 -2.45
C VAL A 271 21.39 -6.39 -1.45
N ASP A 272 22.50 -5.66 -1.60
CA ASP A 272 22.70 -4.43 -0.84
C ASP A 272 21.95 -3.31 -1.55
N ALA A 273 20.67 -3.16 -1.19
CA ALA A 273 19.73 -2.37 -1.97
C ALA A 273 19.82 -0.87 -1.70
N HIS A 274 20.09 -0.49 -0.45
CA HIS A 274 20.05 0.91 -0.06
C HIS A 274 21.10 1.24 1.00
N THR A 275 21.21 2.51 1.34
CA THR A 275 22.14 2.96 2.37
C THR A 275 21.41 3.22 3.68
N ALA A 276 20.16 2.77 3.75
CA ALA A 276 19.37 2.86 4.97
C ALA A 276 18.31 1.77 4.95
N GLU A 277 17.50 1.70 6.01
CA GLU A 277 16.45 0.70 6.10
C GLU A 277 15.57 0.69 4.85
N VAL A 278 15.28 -0.51 4.37
CA VAL A 278 14.35 -0.68 3.26
C VAL A 278 12.97 -1.03 3.83
N ASN A 279 11.97 -0.28 3.42
CA ASN A 279 10.64 -0.37 4.05
C ASN A 279 9.59 -1.10 3.23
N CYS A 280 9.78 -1.13 1.90
CA CYS A 280 8.77 -1.68 1.03
C CYS A 280 9.35 -2.22 -0.28
N LEU A 281 8.58 -3.08 -0.94
CA LEU A 281 8.92 -3.58 -2.25
C LEU A 281 7.64 -3.87 -3.02
N SER A 282 7.72 -3.83 -4.34
CA SER A 282 6.56 -4.06 -5.19
C SER A 282 6.98 -4.58 -6.55
N PHE A 283 6.43 -5.73 -6.94
CA PHE A 283 6.72 -6.33 -8.25
C PHE A 283 5.84 -5.71 -9.34
N ASN A 284 6.44 -5.49 -10.51
CA ASN A 284 5.70 -4.98 -11.66
C ASN A 284 4.77 -6.06 -12.20
N PRO A 285 3.47 -5.73 -12.34
CA PRO A 285 2.49 -6.72 -12.76
C PRO A 285 2.54 -7.03 -14.26
N TYR A 286 3.37 -6.30 -15.00
CA TYR A 286 3.51 -6.51 -16.43
C TYR A 286 4.85 -7.11 -16.83
N SER A 287 5.86 -6.91 -15.98
CA SER A 287 7.17 -7.47 -16.23
C SER A 287 7.60 -8.36 -15.07
N GLU A 288 7.72 -9.66 -15.34
CA GLU A 288 8.01 -10.65 -14.30
C GLU A 288 9.44 -10.53 -13.77
N PHE A 289 10.21 -9.61 -14.33
CA PHE A 289 11.62 -9.47 -13.97
C PHE A 289 11.93 -8.22 -13.16
N ILE A 290 11.06 -7.22 -13.22
CA ILE A 290 11.37 -5.95 -12.56
C ILE A 290 10.64 -5.71 -11.24
N LEU A 291 11.33 -5.01 -10.35
CA LEU A 291 10.92 -4.89 -8.95
C LEU A 291 11.22 -3.46 -8.53
N ALA A 292 10.42 -2.93 -7.61
CA ALA A 292 10.69 -1.62 -7.04
C ALA A 292 10.90 -1.74 -5.54
N THR A 293 11.75 -0.86 -5.00
CA THR A 293 12.09 -0.89 -3.59
C THR A 293 12.13 0.53 -3.03
N GLY A 294 11.63 0.70 -1.81
CA GLY A 294 11.54 2.02 -1.18
C GLY A 294 12.24 2.05 0.16
N SER A 295 12.95 3.14 0.43
CA SER A 295 13.86 3.17 1.57
C SER A 295 13.80 4.45 2.40
N ALA A 296 14.43 4.40 3.56
CA ALA A 296 14.57 5.55 4.45
C ALA A 296 15.63 6.53 3.93
N ASP A 297 16.42 6.09 2.95
CA ASP A 297 17.39 6.98 2.32
C ASP A 297 16.71 7.88 1.30
N LYS A 298 15.37 7.87 1.32
CA LYS A 298 14.55 8.81 0.56
C LYS A 298 14.49 8.51 -0.94
N THR A 299 14.92 7.32 -1.33
CA THR A 299 14.93 6.94 -2.73
C THR A 299 14.10 5.70 -3.01
N VAL A 300 13.62 5.60 -4.25
CA VAL A 300 13.04 4.37 -4.77
C VAL A 300 14.05 3.74 -5.73
N ALA A 301 14.27 2.44 -5.62
CA ALA A 301 15.21 1.75 -6.50
C ALA A 301 14.49 0.79 -7.44
N LEU A 302 14.91 0.79 -8.70
CA LEU A 302 14.45 -0.20 -9.67
C LEU A 302 15.42 -1.36 -9.76
N TRP A 303 14.88 -2.57 -9.82
CA TRP A 303 15.70 -3.77 -9.85
C TRP A 303 15.26 -4.72 -10.95
N ASP A 304 16.22 -5.47 -11.49
CA ASP A 304 15.95 -6.50 -12.47
C ASP A 304 16.41 -7.83 -11.91
N LEU A 305 15.48 -8.79 -11.82
CA LEU A 305 15.76 -10.09 -11.22
C LEU A 305 16.82 -10.91 -11.94
N ARG A 306 17.02 -10.65 -13.23
CA ARG A 306 17.98 -11.43 -14.03
C ARG A 306 19.43 -11.06 -13.69
N ASN A 307 19.62 -9.89 -13.11
CA ASN A 307 20.94 -9.39 -12.74
C ASN A 307 20.81 -8.34 -11.64
N LEU A 308 20.96 -8.78 -10.40
CA LEU A 308 20.70 -7.92 -9.24
C LEU A 308 21.94 -7.17 -8.76
N LYS A 309 23.06 -7.40 -9.43
CA LYS A 309 24.28 -6.63 -9.15
C LYS A 309 24.13 -5.20 -9.65
N LEU A 310 23.20 -4.99 -10.59
CA LEU A 310 23.01 -3.69 -11.22
C LEU A 310 21.66 -3.08 -10.88
N LYS A 311 21.66 -2.08 -10.00
CA LYS A 311 20.48 -1.28 -9.73
C LYS A 311 20.10 -0.52 -11.00
N LEU A 312 18.91 -0.80 -11.52
CA LEU A 312 18.45 -0.20 -12.78
C LEU A 312 18.33 1.31 -12.72
N HIS A 313 17.73 1.83 -11.65
CA HIS A 313 17.44 3.25 -11.56
C HIS A 313 17.15 3.71 -10.13
N THR A 314 17.32 5.00 -9.89
CA THR A 314 17.01 5.61 -8.61
C THR A 314 16.08 6.80 -8.78
N PHE A 315 14.90 6.73 -8.17
CA PHE A 315 13.94 7.82 -8.20
C PHE A 315 14.15 8.74 -7.01
N GLU A 316 14.47 10.01 -7.28
CA GLU A 316 14.70 10.98 -6.20
C GLU A 316 13.70 12.13 -6.27
N SER A 317 13.22 12.53 -5.09
CA SER A 317 12.30 13.67 -4.97
C SER A 317 11.69 13.73 -3.57
N HIS A 318 11.49 12.58 -2.97
CA HIS A 318 10.89 12.51 -1.63
C HIS A 318 11.75 13.21 -0.58
N LYS A 319 11.09 13.92 0.33
CA LYS A 319 11.79 14.72 1.34
C LYS A 319 11.99 13.96 2.64
N ASP A 320 11.46 12.74 2.71
CA ASP A 320 11.56 11.94 3.93
C ASP A 320 11.45 10.44 3.64
N GLU A 321 11.36 9.65 4.70
CA GLU A 321 11.24 8.19 4.60
C GLU A 321 10.10 7.74 3.69
N ILE A 322 10.41 6.82 2.79
CA ILE A 322 9.41 6.19 1.95
C ILE A 322 8.95 4.88 2.59
N PHE A 323 7.64 4.72 2.74
CA PHE A 323 7.09 3.55 3.42
C PHE A 323 6.28 2.63 2.51
N GLN A 324 5.73 3.18 1.43
CA GLN A 324 4.90 2.39 0.54
C GLN A 324 5.18 2.68 -0.92
N VAL A 325 5.24 1.61 -1.72
CA VAL A 325 5.40 1.72 -3.17
C VAL A 325 4.47 0.74 -3.88
N HIS A 326 3.77 1.22 -4.90
CA HIS A 326 2.86 0.38 -5.67
C HIS A 326 2.88 0.74 -7.16
N TRP A 327 3.03 -0.27 -8.00
CA TRP A 327 2.91 -0.09 -9.45
C TRP A 327 1.45 0.10 -9.83
N SER A 328 1.21 0.87 -10.88
CA SER A 328 -0.12 0.97 -11.47
C SER A 328 -0.52 -0.38 -12.07
N PRO A 329 -1.77 -0.81 -11.84
CA PRO A 329 -2.28 -2.06 -12.40
C PRO A 329 -2.75 -1.92 -13.85
N HIS A 330 -2.67 -0.72 -14.41
CA HIS A 330 -3.14 -0.47 -15.77
C HIS A 330 -2.04 0.01 -16.71
N ASN A 331 -1.02 0.66 -16.14
CA ASN A 331 0.10 1.16 -16.93
C ASN A 331 1.44 0.65 -16.40
N GLU A 332 2.16 -0.08 -17.23
CA GLU A 332 3.39 -0.77 -16.82
C GLU A 332 4.53 0.17 -16.42
N THR A 333 4.51 1.39 -16.94
CA THR A 333 5.59 2.34 -16.65
C THR A 333 5.23 3.30 -15.52
N ILE A 334 4.08 3.08 -14.89
CA ILE A 334 3.62 3.98 -13.83
C ILE A 334 3.79 3.39 -12.44
N LEU A 335 4.43 4.17 -11.58
CA LEU A 335 4.78 3.74 -10.23
C LEU A 335 4.37 4.86 -9.27
N ALA A 336 3.94 4.49 -8.07
CA ALA A 336 3.64 5.48 -7.04
C ALA A 336 4.31 5.14 -5.71
N SER A 337 4.69 6.17 -4.98
CA SER A 337 5.35 5.99 -3.69
C SER A 337 4.91 7.06 -2.70
N SER A 338 5.02 6.76 -1.40
CA SER A 338 4.56 7.67 -0.35
C SER A 338 5.29 7.45 0.96
N GLY A 339 5.07 8.34 1.93
CA GLY A 339 5.65 8.17 3.25
C GLY A 339 5.48 9.35 4.20
N THR A 340 6.56 9.67 4.90
CA THR A 340 6.52 10.59 6.04
C THR A 340 6.37 12.06 5.65
N ASP A 341 6.68 12.41 4.41
CA ASP A 341 6.61 13.80 3.98
C ASP A 341 5.20 14.24 3.58
N ARG A 342 4.21 13.43 3.94
CA ARG A 342 2.80 13.71 3.68
C ARG A 342 2.48 13.80 2.18
N ARG A 343 3.41 13.34 1.36
CA ARG A 343 3.24 13.42 -0.09
C ARG A 343 3.10 12.03 -0.70
N LEU A 344 2.40 11.99 -1.82
CA LEU A 344 2.37 10.79 -2.64
C LEU A 344 2.86 11.16 -4.03
N ASN A 345 3.93 10.52 -4.47
CA ASN A 345 4.54 10.82 -5.76
C ASN A 345 4.20 9.77 -6.82
N VAL A 346 3.83 10.24 -8.01
CA VAL A 346 3.58 9.35 -9.13
C VAL A 346 4.71 9.49 -10.16
N TRP A 347 5.28 8.36 -10.56
CA TRP A 347 6.43 8.35 -11.46
C TRP A 347 6.07 7.73 -12.81
N ASP A 348 6.68 8.23 -13.88
CA ASP A 348 6.53 7.65 -15.20
C ASP A 348 7.89 7.22 -15.75
N LEU A 349 8.12 5.91 -15.79
CA LEU A 349 9.43 5.36 -16.18
C LEU A 349 9.82 5.76 -17.60
N SER A 350 8.82 6.00 -18.45
CA SER A 350 9.08 6.27 -19.87
C SER A 350 9.71 7.64 -20.10
N LYS A 351 9.97 8.37 -19.02
CA LYS A 351 10.52 9.72 -19.14
C LYS A 351 11.91 9.84 -18.54
N ILE A 352 12.49 8.72 -18.12
CA ILE A 352 13.83 8.70 -17.58
C ILE A 352 14.86 9.08 -18.65
N GLY A 353 15.79 9.97 -18.29
CA GLY A 353 16.84 10.39 -19.22
C GLY A 353 16.40 11.49 -20.17
N GLU A 354 15.09 11.77 -20.19
CA GLU A 354 14.52 12.81 -21.03
C GLU A 354 15.02 14.19 -20.60
N GLU A 355 15.50 14.97 -21.56
CA GLU A 355 16.07 16.28 -21.28
C GLU A 355 15.02 17.28 -20.81
N GLN A 356 15.31 17.99 -19.72
CA GLN A 356 14.44 19.06 -19.24
C GLN A 356 15.18 20.39 -19.33
N SER A 357 14.42 21.48 -19.33
CA SER A 357 15.01 22.80 -19.19
C SER A 357 15.52 22.94 -17.76
N ALA A 358 16.37 23.94 -17.54
CA ALA A 358 16.94 24.18 -16.21
C ALA A 358 15.85 24.54 -15.21
N GLU A 359 14.77 25.13 -15.70
CA GLU A 359 13.63 25.51 -14.86
C GLU A 359 12.87 24.28 -14.37
N ASP A 360 12.64 23.34 -15.28
CA ASP A 360 11.90 22.12 -14.96
C ASP A 360 12.72 21.16 -14.10
N ALA A 361 14.03 21.24 -14.22
CA ALA A 361 14.94 20.39 -13.44
C ALA A 361 14.93 20.74 -11.95
N GLU A 362 14.52 21.95 -11.63
CA GLU A 362 14.47 22.41 -10.24
C GLU A 362 13.35 21.71 -9.47
N ASP A 363 12.27 21.37 -10.17
CA ASP A 363 11.13 20.70 -9.55
C ASP A 363 11.40 19.22 -9.34
N GLY A 364 12.35 18.68 -10.09
CA GLY A 364 12.72 17.27 -9.98
C GLY A 364 13.08 16.66 -11.32
N PRO A 365 13.38 15.34 -11.31
CA PRO A 365 13.76 14.61 -12.52
C PRO A 365 12.57 14.44 -13.46
N PRO A 366 12.84 14.20 -14.76
CA PRO A 366 11.80 14.17 -15.78
C PRO A 366 10.75 13.08 -15.58
N GLU A 367 11.08 12.05 -14.80
CA GLU A 367 10.17 10.93 -14.59
C GLU A 367 9.14 11.18 -13.49
N LEU A 368 9.27 12.31 -12.80
CA LEU A 368 8.29 12.71 -11.79
C LEU A 368 7.05 13.27 -12.48
N LEU A 369 5.95 12.55 -12.39
CA LEU A 369 4.73 12.90 -13.11
C LEU A 369 3.86 13.84 -12.28
N PHE A 370 3.70 13.51 -11.00
CA PHE A 370 2.65 14.12 -10.20
C PHE A 370 2.98 14.04 -8.71
N ILE A 371 2.75 15.14 -7.99
CA ILE A 371 2.84 15.14 -6.55
C ILE A 371 1.47 15.43 -5.94
N HIS A 372 0.99 14.52 -5.10
CA HIS A 372 -0.30 14.68 -4.45
C HIS A 372 -0.12 15.31 -3.08
N GLY A 373 -0.63 16.53 -2.91
CA GLY A 373 -0.46 17.27 -1.67
C GLY A 373 -1.75 17.44 -0.89
N GLY A 374 -2.66 16.48 -1.06
CA GLY A 374 -3.99 16.58 -0.45
C GLY A 374 -4.05 16.17 1.01
N HIS A 375 -2.99 15.52 1.50
CA HIS A 375 -2.94 15.09 2.89
C HIS A 375 -2.23 16.09 3.80
N THR A 376 -2.68 16.16 5.04
CA THR A 376 -2.14 17.10 6.01
C THR A 376 -1.39 16.38 7.13
N ALA A 377 -1.19 15.08 6.94
CA ALA A 377 -0.35 14.29 7.84
C ALA A 377 0.26 13.13 7.06
N LYS A 378 1.09 12.34 7.73
CA LYS A 378 1.77 11.21 7.10
C LYS A 378 0.78 10.25 6.44
N ILE A 379 1.10 9.84 5.21
CA ILE A 379 0.31 8.81 4.52
C ILE A 379 0.72 7.42 5.00
N SER A 380 -0.23 6.68 5.54
CA SER A 380 0.03 5.37 6.12
C SER A 380 0.03 4.26 5.07
N ASP A 381 -0.82 4.42 4.07
CA ASP A 381 -0.99 3.42 3.03
C ASP A 381 -1.81 4.03 1.90
N PHE A 382 -1.68 3.45 0.71
CA PHE A 382 -2.52 3.83 -0.42
C PHE A 382 -2.78 2.62 -1.30
N SER A 383 -3.74 2.73 -2.21
CA SER A 383 -4.10 1.63 -3.08
C SER A 383 -4.63 2.11 -4.42
N TRP A 384 -4.05 1.59 -5.50
CA TRP A 384 -4.55 1.82 -6.85
C TRP A 384 -5.87 1.08 -7.07
N ASN A 385 -6.90 1.81 -7.52
CA ASN A 385 -8.16 1.19 -7.92
C ASN A 385 -7.96 0.22 -9.09
N PRO A 386 -8.28 -1.06 -8.90
CA PRO A 386 -8.05 -2.07 -9.93
C PRO A 386 -9.02 -1.98 -11.11
N ASN A 387 -10.11 -1.22 -10.95
CA ASN A 387 -11.15 -1.16 -11.98
C ASN A 387 -11.26 0.19 -12.69
N GLU A 388 -10.86 1.27 -12.02
CA GLU A 388 -10.86 2.58 -12.64
C GLU A 388 -9.45 3.14 -12.74
N PRO A 389 -8.90 3.16 -13.97
CA PRO A 389 -7.53 3.62 -14.21
C PRO A 389 -7.26 5.00 -13.60
N TRP A 390 -6.13 5.12 -12.89
CA TRP A 390 -5.65 6.38 -12.33
C TRP A 390 -6.31 6.78 -11.00
N VAL A 391 -7.30 6.02 -10.56
CA VAL A 391 -7.92 6.31 -9.27
C VAL A 391 -7.13 5.68 -8.13
N ILE A 392 -6.87 6.47 -7.10
CA ILE A 392 -6.12 6.01 -5.94
C ILE A 392 -6.89 6.34 -4.67
N CYS A 393 -6.78 5.45 -3.67
CA CYS A 393 -7.23 5.77 -2.33
C CYS A 393 -6.03 5.79 -1.40
N SER A 394 -5.84 6.90 -0.69
CA SER A 394 -4.76 7.03 0.27
C SER A 394 -5.31 7.44 1.62
N VAL A 395 -4.74 6.88 2.69
CA VAL A 395 -5.18 7.19 4.04
C VAL A 395 -4.03 7.78 4.86
N SER A 396 -4.35 8.74 5.72
CA SER A 396 -3.34 9.42 6.51
C SER A 396 -3.54 9.21 8.01
N GLU A 397 -2.56 9.64 8.79
CA GLU A 397 -2.59 9.45 10.25
C GLU A 397 -3.55 10.38 10.98
N ASP A 398 -4.09 11.38 10.26
CA ASP A 398 -5.07 12.29 10.85
C ASP A 398 -6.49 12.01 10.39
N ASN A 399 -6.80 10.72 10.18
CA ASN A 399 -8.18 10.27 9.98
C ASN A 399 -8.72 10.43 8.56
N ILE A 400 -7.93 11.05 7.68
CA ILE A 400 -8.40 11.32 6.33
C ILE A 400 -8.20 10.14 5.40
N MET A 401 -9.22 9.82 4.62
CA MET A 401 -9.06 9.00 3.44
C MET A 401 -9.49 9.78 2.22
N GLN A 402 -8.62 9.83 1.22
CA GLN A 402 -8.94 10.52 -0.03
C GLN A 402 -9.02 9.55 -1.19
N ILE A 403 -10.07 9.69 -1.98
CA ILE A 403 -10.18 8.99 -3.24
C ILE A 403 -9.99 10.01 -4.35
N TRP A 404 -8.96 9.81 -5.17
CA TRP A 404 -8.60 10.82 -6.15
C TRP A 404 -8.06 10.27 -7.45
N GLN A 405 -8.15 11.09 -8.50
CA GLN A 405 -7.69 10.73 -9.83
C GLN A 405 -7.14 12.00 -10.48
N MET A 406 -5.87 11.96 -10.88
CA MET A 406 -5.24 13.14 -11.46
C MET A 406 -5.82 13.48 -12.84
N ALA A 407 -5.74 14.74 -13.21
CA ALA A 407 -6.33 15.21 -14.46
C ALA A 407 -5.73 14.53 -15.68
N GLU A 408 -6.58 14.22 -16.66
CA GLU A 408 -6.15 13.52 -17.87
C GLU A 408 -5.09 14.32 -18.63
N ASN A 409 -5.17 15.64 -18.53
CA ASN A 409 -4.21 16.54 -19.18
C ASN A 409 -2.76 16.27 -18.78
N ILE A 410 -2.58 15.68 -17.61
CA ILE A 410 -1.24 15.50 -17.05
C ILE A 410 -0.52 14.27 -17.62
N TYR A 411 -1.27 13.19 -17.83
CA TYR A 411 -0.68 11.96 -18.35
C TYR A 411 -0.97 11.74 -19.83
N ASN A 412 -1.98 12.43 -20.36
CA ASN A 412 -2.31 12.30 -21.77
C ASN A 412 -1.47 13.24 -22.63
N ASP A 413 -0.24 12.83 -22.90
CA ASP A 413 0.68 13.64 -23.70
C ASP A 413 1.10 12.93 -24.97
N GLN B 1 -4.23 31.81 -16.99
CA GLN B 1 -2.90 31.95 -16.33
C GLN B 1 -2.12 30.64 -16.44
N GLY B 2 -2.22 29.80 -15.41
CA GLY B 2 -1.62 28.47 -15.46
C GLY B 2 -2.61 27.47 -16.03
N ILE B 3 -3.21 27.83 -17.16
CA ILE B 3 -4.30 27.05 -17.75
C ILE B 3 -3.82 26.18 -18.91
N THR B 4 -2.70 26.56 -19.52
CA THR B 4 -2.09 25.77 -20.58
C THR B 4 -1.57 24.42 -20.05
N LYS B 5 -1.49 23.42 -20.88
CA LYS B 5 -1.09 22.11 -20.45
C LYS B 5 0.30 21.99 -19.90
N PRO B 6 1.29 22.59 -20.53
CA PRO B 6 2.63 22.63 -19.94
C PRO B 6 2.67 23.26 -18.55
N ALA B 7 1.83 24.27 -18.32
CA ALA B 7 1.79 24.92 -17.01
C ALA B 7 1.13 24.02 -15.96
N ILE B 8 0.10 23.29 -16.37
CA ILE B 8 -0.59 22.37 -15.49
C ILE B 8 0.31 21.19 -15.12
N ARG B 9 1.08 20.76 -16.09
CA ARG B 9 2.01 19.72 -15.90
C ARG B 9 3.11 20.10 -14.96
N ARG B 10 3.43 21.36 -14.92
CA ARG B 10 4.43 21.93 -14.05
C ARG B 10 3.88 22.16 -12.67
N LEU B 11 2.60 22.47 -12.59
CA LEU B 11 1.90 22.56 -11.31
C LEU B 11 1.87 21.17 -10.66
N ALA B 12 1.61 20.15 -11.47
CA ALA B 12 1.53 18.78 -10.98
C ALA B 12 2.82 18.34 -10.31
N ARG B 13 3.95 18.69 -10.92
CA ARG B 13 5.27 18.31 -10.40
C ARG B 13 5.62 19.09 -9.14
N ARG B 14 5.05 20.28 -9.01
CA ARG B 14 5.24 21.10 -7.83
C ARG B 14 4.25 20.71 -6.73
N GLY B 15 3.24 19.94 -7.10
CA GLY B 15 2.23 19.47 -6.14
C GLY B 15 1.19 20.52 -5.83
AS ARS C . -17.45 2.52 7.85
#